data_2VS4
#
_entry.id   2VS4
#
_cell.length_a   45.251
_cell.length_b   94.630
_cell.length_c   94.690
_cell.angle_alpha   90.00
_cell.angle_beta   98.90
_cell.angle_gamma   90.00
#
_symmetry.space_group_name_H-M   'P 1 21 1'
#
loop_
_entity.id
_entity.type
_entity.pdbx_description
1 polymer 'N-ACETYLLACTOSAMINIDE ALPHA-1,3-GALACTOSYLTRANSFERASE'
2 branched beta-D-galactopyranose-(1-4)-2-acetamido-2-deoxy-alpha-D-glucopyranose
3 non-polymer 'MANGANESE (II) ION'
4 non-polymer "URIDINE-5'-DIPHOSPHATE"
5 non-polymer GLYCEROL
6 water water
#
_entity_poly.entity_id   1
_entity_poly.type   'polypeptide(L)'
_entity_poly.pdbx_seq_one_letter_code
;ESKLKLSDWFNPFKRPEVVTMTKWKAPVVWEGTYNRAVLDNYYAKQKITVGLTVFAVGRYIEHYLEEFLTSANKHFMVGH
PVIFYIMVDDVSRMPLIELGPLRSFKVFKIKPEKRWQDISMMRMKTIGEHIVAHIQHEVDFLFCMDVDQVFQDKFGVETL
GESVAQLQAWWYKADPNDFTYERRKESAAYIPFGEGDFYYHAAIFGGTPTQVLNITQECFKGILKDKKNDIEAQWHEESH
LNKYFLLNKPTKILSPEYCWDYHIGLPADIKLVKMSWQTKEYNVVRNNV
;
_entity_poly.pdbx_strand_id   A,B
#
loop_
_chem_comp.id
_chem_comp.type
_chem_comp.name
_chem_comp.formula
GAL D-saccharide, beta linking beta-D-galactopyranose 'C6 H12 O6'
GOL non-polymer GLYCEROL 'C3 H8 O3'
MN non-polymer 'MANGANESE (II) ION' 'Mn 2'
NDG D-saccharide, alpha linking 2-acetamido-2-deoxy-alpha-D-glucopyranose 'C8 H15 N O6'
UDP RNA linking URIDINE-5'-DIPHOSPHATE 'C9 H14 N2 O12 P2'
#
# COMPACT_ATOMS: atom_id res chain seq x y z
N SER A 2 -15.97 5.95 -24.30
CA SER A 2 -16.26 5.20 -23.05
C SER A 2 -17.24 4.06 -23.29
N LYS A 3 -17.82 3.53 -22.20
CA LYS A 3 -18.78 2.43 -22.25
C LYS A 3 -18.18 1.05 -22.56
N LEU A 4 -17.69 0.35 -21.54
CA LEU A 4 -17.12 -0.99 -21.72
C LEU A 4 -18.24 -1.99 -21.97
N LYS A 5 -18.21 -2.63 -23.13
CA LYS A 5 -19.23 -3.60 -23.51
C LYS A 5 -18.66 -5.00 -23.37
N LEU A 6 -19.53 -5.95 -23.02
CA LEU A 6 -19.13 -7.34 -22.84
C LEU A 6 -18.40 -7.95 -24.05
N SER A 7 -18.91 -7.70 -25.25
CA SER A 7 -18.26 -8.25 -26.43
C SER A 7 -16.86 -7.65 -26.66
N ASP A 8 -16.61 -6.50 -26.03
CA ASP A 8 -15.30 -5.84 -26.15
C ASP A 8 -14.20 -6.79 -25.65
N TRP A 9 -14.53 -7.62 -24.66
CA TRP A 9 -13.54 -8.50 -24.04
C TRP A 9 -13.93 -9.96 -23.82
N PHE A 10 -15.21 -10.28 -23.93
CA PHE A 10 -15.70 -11.63 -23.68
C PHE A 10 -16.21 -12.35 -24.92
N ASN A 11 -15.63 -13.51 -25.21
CA ASN A 11 -16.04 -14.29 -26.37
C ASN A 11 -16.38 -15.71 -25.92
N PRO A 12 -17.67 -15.97 -25.66
CA PRO A 12 -18.13 -17.29 -25.22
C PRO A 12 -17.87 -18.44 -26.19
N PHE A 13 -17.91 -18.15 -27.49
CA PHE A 13 -17.71 -19.17 -28.50
C PHE A 13 -16.37 -19.88 -28.41
N LYS A 14 -15.42 -19.31 -27.67
CA LYS A 14 -14.09 -19.92 -27.50
C LYS A 14 -14.16 -21.20 -26.64
N ARG A 15 -15.17 -21.28 -25.78
CA ARG A 15 -15.35 -22.45 -24.90
C ARG A 15 -16.80 -22.93 -25.06
N PRO A 16 -17.12 -23.50 -26.24
CA PRO A 16 -18.48 -23.99 -26.51
C PRO A 16 -18.92 -25.20 -25.70
N GLU A 17 -18.00 -25.83 -24.98
CA GLU A 17 -18.32 -27.03 -24.23
C GLU A 17 -18.72 -26.81 -22.77
N VAL A 18 -18.70 -25.56 -22.33
CA VAL A 18 -19.06 -25.25 -20.96
C VAL A 18 -20.05 -24.10 -20.90
N VAL A 19 -20.65 -23.90 -19.74
CA VAL A 19 -21.61 -22.82 -19.55
C VAL A 19 -20.82 -21.51 -19.49
N THR A 20 -21.09 -20.62 -20.44
CA THR A 20 -20.38 -19.35 -20.54
C THR A 20 -21.28 -18.12 -20.31
N MET A 21 -22.59 -18.35 -20.24
CA MET A 21 -23.54 -17.27 -20.03
C MET A 21 -24.70 -17.74 -19.18
N THR A 22 -25.17 -16.86 -18.29
CA THR A 22 -26.28 -17.18 -17.42
C THR A 22 -27.58 -16.77 -18.09
N LYS A 23 -28.70 -16.91 -17.39
CA LYS A 23 -29.99 -16.52 -17.95
C LYS A 23 -30.25 -15.02 -17.71
N TRP A 24 -29.50 -14.43 -16.78
CA TRP A 24 -29.63 -13.02 -16.45
C TRP A 24 -28.52 -12.12 -17.06
N LYS A 25 -27.90 -12.63 -18.11
CA LYS A 25 -26.87 -11.92 -18.88
C LYS A 25 -25.45 -11.81 -18.34
N ALA A 26 -25.15 -12.51 -17.25
CA ALA A 26 -23.82 -12.45 -16.66
C ALA A 26 -22.91 -13.48 -17.30
N PRO A 27 -21.67 -13.08 -17.61
CA PRO A 27 -20.72 -14.00 -18.22
C PRO A 27 -20.09 -14.91 -17.18
N VAL A 28 -19.73 -16.12 -17.60
CA VAL A 28 -19.03 -17.08 -16.74
C VAL A 28 -17.66 -17.15 -17.41
N VAL A 29 -16.65 -16.59 -16.75
CA VAL A 29 -15.30 -16.53 -17.29
C VAL A 29 -14.45 -17.79 -17.23
N TRP A 30 -14.20 -18.38 -18.40
CA TRP A 30 -13.38 -19.58 -18.54
C TRP A 30 -12.12 -19.21 -19.31
N GLU A 31 -11.03 -19.94 -19.09
CA GLU A 31 -9.79 -19.67 -19.79
C GLU A 31 -10.08 -19.71 -21.30
N GLY A 32 -9.60 -18.70 -22.03
CA GLY A 32 -9.82 -18.66 -23.47
C GLY A 32 -10.92 -17.71 -23.93
N THR A 33 -11.83 -17.38 -23.03
CA THR A 33 -12.94 -16.48 -23.37
C THR A 33 -12.63 -15.00 -23.16
N TYR A 34 -11.61 -14.69 -22.37
CA TYR A 34 -11.30 -13.28 -22.10
C TYR A 34 -10.11 -12.70 -22.85
N ASN A 35 -10.20 -11.39 -23.10
CA ASN A 35 -9.18 -10.62 -23.78
C ASN A 35 -8.57 -9.72 -22.70
N ARG A 36 -7.65 -10.26 -21.92
CA ARG A 36 -7.05 -9.48 -20.84
C ARG A 36 -6.30 -8.24 -21.31
N ALA A 37 -5.72 -8.31 -22.51
CA ALA A 37 -4.98 -7.17 -23.04
C ALA A 37 -5.89 -5.94 -23.17
N VAL A 38 -7.09 -6.17 -23.73
CA VAL A 38 -8.06 -5.10 -23.92
C VAL A 38 -8.48 -4.53 -22.57
N LEU A 39 -8.67 -5.43 -21.60
CA LEU A 39 -9.08 -5.00 -20.27
C LEU A 39 -7.98 -4.27 -19.50
N ASP A 40 -6.75 -4.76 -19.59
CA ASP A 40 -5.65 -4.12 -18.89
C ASP A 40 -5.52 -2.67 -19.33
N ASN A 41 -5.56 -2.44 -20.64
CA ASN A 41 -5.46 -1.09 -21.18
C ASN A 41 -6.61 -0.22 -20.66
N TYR A 42 -7.82 -0.77 -20.69
CA TYR A 42 -9.02 -0.06 -20.25
C TYR A 42 -8.90 0.37 -18.80
N TYR A 43 -8.61 -0.58 -17.92
CA TYR A 43 -8.49 -0.28 -16.51
C TYR A 43 -7.28 0.57 -16.16
N ALA A 44 -6.22 0.48 -16.94
CA ALA A 44 -5.02 1.28 -16.69
C ALA A 44 -5.36 2.75 -16.93
N LYS A 45 -6.15 3.02 -17.97
CA LYS A 45 -6.58 4.38 -18.28
C LYS A 45 -7.41 4.97 -17.15
N GLN A 46 -8.17 4.12 -16.46
CA GLN A 46 -8.99 4.59 -15.34
C GLN A 46 -8.23 4.56 -14.02
N LYS A 47 -6.93 4.22 -14.08
CA LYS A 47 -6.07 4.16 -12.90
C LYS A 47 -6.74 3.50 -11.69
N ILE A 48 -7.20 2.27 -11.88
CA ILE A 48 -7.87 1.53 -10.81
C ILE A 48 -6.89 0.91 -9.82
N THR A 49 -7.37 0.66 -8.61
CA THR A 49 -6.59 0.01 -7.57
C THR A 49 -7.48 -1.15 -7.13
N VAL A 50 -6.89 -2.31 -6.87
CA VAL A 50 -7.65 -3.47 -6.46
C VAL A 50 -7.24 -3.97 -5.10
N GLY A 51 -8.24 -4.23 -4.25
CA GLY A 51 -7.97 -4.72 -2.91
C GLY A 51 -8.23 -6.19 -2.76
N LEU A 52 -7.57 -6.80 -1.77
CA LEU A 52 -7.74 -8.22 -1.50
C LEU A 52 -7.66 -8.40 0.00
N THR A 53 -8.71 -8.98 0.59
CA THR A 53 -8.72 -9.23 2.02
C THR A 53 -8.48 -10.70 2.24
N VAL A 54 -7.83 -11.04 3.36
CA VAL A 54 -7.56 -12.43 3.68
C VAL A 54 -7.35 -12.50 5.18
N PHE A 55 -8.00 -13.48 5.80
CA PHE A 55 -7.89 -13.69 7.25
C PHE A 55 -7.05 -14.92 7.54
N ALA A 56 -6.30 -14.87 8.63
CA ALA A 56 -5.50 -16.00 9.07
C ALA A 56 -5.50 -15.92 10.59
N VAL A 57 -6.26 -16.80 11.21
CA VAL A 57 -6.40 -16.86 12.67
C VAL A 57 -5.90 -18.21 13.16
N GLY A 58 -5.09 -18.19 14.21
CA GLY A 58 -4.58 -19.44 14.73
C GLY A 58 -3.52 -20.02 13.81
N ARG A 59 -3.42 -21.34 13.81
CA ARG A 59 -2.41 -22.00 12.99
C ARG A 59 -2.55 -21.84 11.48
N TYR A 60 -3.62 -21.20 11.04
CA TYR A 60 -3.81 -20.95 9.62
C TYR A 60 -2.71 -19.98 9.17
N ILE A 61 -2.21 -19.19 10.12
CA ILE A 61 -1.15 -18.25 9.85
C ILE A 61 0.12 -18.97 9.39
N GLU A 62 0.63 -19.87 10.24
CA GLU A 62 1.84 -20.61 9.90
C GLU A 62 1.67 -21.54 8.71
N HIS A 63 0.51 -22.19 8.63
CA HIS A 63 0.24 -23.12 7.55
C HIS A 63 -0.07 -22.53 6.19
N TYR A 64 -0.74 -21.39 6.14
CA TYR A 64 -1.14 -20.85 4.85
C TYR A 64 -0.86 -19.40 4.45
N LEU A 65 -0.70 -18.50 5.42
CA LEU A 65 -0.52 -17.09 5.09
C LEU A 65 0.64 -16.76 4.15
N GLU A 66 1.83 -17.28 4.43
CA GLU A 66 2.99 -17.00 3.59
C GLU A 66 2.75 -17.43 2.16
N GLU A 67 2.40 -18.69 1.95
CA GLU A 67 2.16 -19.18 0.60
C GLU A 67 1.11 -18.37 -0.13
N PHE A 68 0.04 -18.04 0.56
CA PHE A 68 -1.04 -17.28 -0.06
C PHE A 68 -0.52 -15.94 -0.58
N LEU A 69 0.11 -15.19 0.30
CA LEU A 69 0.63 -13.86 -0.04
C LEU A 69 1.74 -13.89 -1.09
N THR A 70 2.64 -14.85 -0.99
CA THR A 70 3.71 -14.95 -1.96
C THR A 70 3.13 -15.15 -3.36
N SER A 71 2.11 -16.00 -3.46
CA SER A 71 1.48 -16.26 -4.75
C SER A 71 0.62 -15.09 -5.23
N ALA A 72 -0.05 -14.41 -4.31
CA ALA A 72 -0.90 -13.28 -4.68
C ALA A 72 -0.05 -12.16 -5.27
N ASN A 73 1.10 -11.90 -4.63
CA ASN A 73 2.02 -10.87 -5.07
C ASN A 73 2.36 -11.10 -6.54
N LYS A 74 2.59 -12.36 -6.87
CA LYS A 74 3.00 -12.76 -8.21
C LYS A 74 1.95 -12.82 -9.32
N HIS A 75 0.73 -13.24 -8.99
CA HIS A 75 -0.32 -13.42 -9.98
C HIS A 75 -1.57 -12.55 -9.93
N PHE A 76 -1.82 -11.93 -8.78
CA PHE A 76 -3.04 -11.12 -8.61
C PHE A 76 -3.04 -9.72 -9.22
N MET A 77 -3.88 -9.53 -10.24
CA MET A 77 -4.01 -8.22 -10.87
C MET A 77 -2.68 -7.59 -11.27
N VAL A 78 -1.82 -8.36 -11.92
CA VAL A 78 -0.51 -7.86 -12.34
C VAL A 78 -0.65 -6.66 -13.27
N GLY A 79 0.18 -5.65 -13.04
CA GLY A 79 0.13 -4.45 -13.85
C GLY A 79 -0.73 -3.34 -13.28
N HIS A 80 -1.36 -3.60 -12.14
CA HIS A 80 -2.24 -2.62 -11.49
C HIS A 80 -1.97 -2.52 -10.00
N PRO A 81 -2.18 -1.33 -9.41
CA PRO A 81 -1.96 -1.12 -7.98
C PRO A 81 -2.85 -2.08 -7.20
N VAL A 82 -2.25 -2.78 -6.23
CA VAL A 82 -2.97 -3.73 -5.39
C VAL A 82 -2.63 -3.50 -3.92
N ILE A 83 -3.62 -3.62 -3.04
CA ILE A 83 -3.41 -3.48 -1.60
C ILE A 83 -3.95 -4.73 -0.95
N PHE A 84 -3.08 -5.40 -0.17
CA PHE A 84 -3.46 -6.61 0.54
C PHE A 84 -3.84 -6.20 1.96
N TYR A 85 -5.06 -6.56 2.37
CA TYR A 85 -5.54 -6.25 3.71
C TYR A 85 -5.49 -7.57 4.44
N ILE A 86 -4.57 -7.68 5.40
CA ILE A 86 -4.37 -8.92 6.13
C ILE A 86 -4.89 -8.84 7.55
N MET A 87 -5.83 -9.73 7.88
CA MET A 87 -6.42 -9.79 9.21
C MET A 87 -5.90 -11.01 9.96
N VAL A 88 -5.20 -10.79 11.06
CA VAL A 88 -4.65 -11.87 11.86
C VAL A 88 -4.94 -11.60 13.33
N ASP A 89 -4.80 -12.63 14.18
CA ASP A 89 -5.06 -12.44 15.61
C ASP A 89 -3.77 -12.23 16.36
N ASP A 90 -2.65 -12.55 15.71
CA ASP A 90 -1.34 -12.44 16.32
C ASP A 90 -0.37 -11.91 15.26
N VAL A 91 -0.17 -10.59 15.26
CA VAL A 91 0.69 -9.95 14.28
C VAL A 91 2.15 -10.38 14.33
N SER A 92 2.59 -10.90 15.47
CA SER A 92 3.98 -11.31 15.62
C SER A 92 4.35 -12.56 14.82
N ARG A 93 3.34 -13.31 14.38
CA ARG A 93 3.58 -14.51 13.60
C ARG A 93 3.33 -14.24 12.13
N MET A 94 2.98 -13.00 11.84
CA MET A 94 2.70 -12.56 10.48
C MET A 94 3.95 -12.54 9.60
N PRO A 95 3.96 -13.36 8.53
CA PRO A 95 5.16 -13.34 7.68
C PRO A 95 5.18 -12.07 6.84
N LEU A 96 6.24 -11.26 6.97
CA LEU A 96 6.32 -10.00 6.22
C LEU A 96 7.14 -10.12 4.92
N ILE A 97 6.74 -11.03 4.04
CA ILE A 97 7.43 -11.28 2.77
C ILE A 97 7.66 -10.03 1.93
N GLU A 98 8.65 -10.08 1.05
CA GLU A 98 8.94 -8.96 0.18
C GLU A 98 7.91 -8.93 -0.95
N LEU A 99 7.40 -7.73 -1.22
CA LEU A 99 6.41 -7.54 -2.26
C LEU A 99 7.05 -6.90 -3.48
N GLY A 100 6.43 -7.12 -4.64
CA GLY A 100 6.96 -6.56 -5.87
C GLY A 100 6.28 -5.28 -6.32
N PRO A 101 6.61 -4.81 -7.53
CA PRO A 101 6.01 -3.58 -8.05
C PRO A 101 4.48 -3.56 -7.96
N LEU A 102 3.94 -2.41 -7.60
CA LEU A 102 2.50 -2.19 -7.49
C LEU A 102 1.75 -2.98 -6.42
N ARG A 103 2.49 -3.54 -5.46
CA ARG A 103 1.88 -4.28 -4.35
C ARG A 103 2.23 -3.54 -3.05
N SER A 104 1.26 -3.46 -2.12
CA SER A 104 1.48 -2.84 -0.81
C SER A 104 0.55 -3.54 0.19
N PHE A 105 0.93 -3.49 1.46
CA PHE A 105 0.26 -4.14 2.60
C PHE A 105 -0.43 -3.23 3.62
N LYS A 106 -1.34 -3.83 4.39
CA LYS A 106 -1.94 -3.15 5.53
C LYS A 106 -2.36 -4.32 6.44
N VAL A 107 -1.83 -4.37 7.66
CA VAL A 107 -2.16 -5.46 8.59
C VAL A 107 -2.99 -4.98 9.77
N PHE A 108 -4.00 -5.76 10.15
CA PHE A 108 -4.88 -5.43 11.28
C PHE A 108 -4.98 -6.59 12.25
N LYS A 109 -4.93 -6.29 13.54
CA LYS A 109 -5.05 -7.31 14.56
C LYS A 109 -6.54 -7.46 14.88
N ILE A 110 -7.06 -8.68 14.80
CA ILE A 110 -8.46 -8.92 15.12
C ILE A 110 -8.57 -9.93 16.26
N LYS A 111 -9.75 -9.98 16.87
CA LYS A 111 -10.00 -10.89 17.97
C LYS A 111 -10.27 -12.28 17.39
N PRO A 112 -9.70 -13.32 18.03
CA PRO A 112 -9.95 -14.67 17.52
C PRO A 112 -11.24 -15.20 18.15
N GLU A 113 -12.19 -15.63 17.33
CA GLU A 113 -13.45 -16.16 17.87
C GLU A 113 -13.14 -17.57 18.38
N LYS A 114 -13.84 -18.00 19.43
CA LYS A 114 -13.60 -19.32 20.03
C LYS A 114 -13.84 -20.53 19.14
N ARG A 115 -14.82 -20.46 18.25
CA ARG A 115 -15.12 -21.58 17.36
C ARG A 115 -14.65 -21.24 15.97
N TRP A 116 -14.04 -22.21 15.28
CA TRP A 116 -13.56 -21.96 13.92
C TRP A 116 -14.73 -21.57 13.03
N GLN A 117 -15.91 -22.09 13.35
CA GLN A 117 -17.11 -21.77 12.58
C GLN A 117 -17.37 -20.27 12.64
N ASP A 118 -17.18 -19.68 13.83
CA ASP A 118 -17.39 -18.25 13.99
C ASP A 118 -16.24 -17.43 13.40
N ILE A 119 -15.04 -17.99 13.40
CA ILE A 119 -13.90 -17.29 12.81
C ILE A 119 -14.26 -17.12 11.32
N SER A 120 -14.67 -18.21 10.71
CA SER A 120 -15.03 -18.21 9.29
C SER A 120 -16.21 -17.28 9.01
N MET A 121 -17.23 -17.30 9.87
CA MET A 121 -18.40 -16.45 9.64
C MET A 121 -18.24 -14.98 10.03
N MET A 122 -17.45 -14.71 11.06
CA MET A 122 -17.25 -13.32 11.50
C MET A 122 -16.63 -12.46 10.42
N ARG A 123 -15.94 -13.10 9.49
CA ARG A 123 -15.28 -12.38 8.40
C ARG A 123 -16.28 -11.43 7.72
N MET A 124 -17.51 -11.89 7.54
CA MET A 124 -18.52 -11.07 6.90
C MET A 124 -18.72 -9.74 7.63
N LYS A 125 -18.71 -9.78 8.96
CA LYS A 125 -18.87 -8.56 9.74
C LYS A 125 -17.65 -7.67 9.62
N THR A 126 -16.47 -8.26 9.84
CA THR A 126 -15.23 -7.52 9.78
C THR A 126 -14.98 -6.87 8.42
N ILE A 127 -15.24 -7.59 7.34
CA ILE A 127 -15.02 -7.02 6.02
C ILE A 127 -15.89 -5.77 5.87
N GLY A 128 -17.16 -5.90 6.25
CA GLY A 128 -18.08 -4.79 6.15
C GLY A 128 -17.56 -3.56 6.88
N GLU A 129 -17.12 -3.76 8.12
CA GLU A 129 -16.60 -2.66 8.93
C GLU A 129 -15.43 -1.95 8.23
N HIS A 130 -14.51 -2.74 7.68
CA HIS A 130 -13.34 -2.19 7.01
C HIS A 130 -13.69 -1.48 5.71
N ILE A 131 -14.72 -1.94 5.01
CA ILE A 131 -15.10 -1.29 3.77
C ILE A 131 -15.54 0.14 4.07
N VAL A 132 -16.39 0.29 5.09
CA VAL A 132 -16.91 1.61 5.47
C VAL A 132 -15.79 2.50 6.01
N ALA A 133 -14.96 1.96 6.89
CA ALA A 133 -13.88 2.74 7.47
C ALA A 133 -12.80 3.17 6.49
N HIS A 134 -12.42 2.31 5.56
CA HIS A 134 -11.36 2.71 4.63
C HIS A 134 -11.31 2.12 3.23
N ILE A 135 -11.60 0.83 3.06
CA ILE A 135 -11.52 0.23 1.73
C ILE A 135 -12.31 0.94 0.64
N GLN A 136 -13.48 1.48 0.99
CA GLN A 136 -14.30 2.19 0.00
C GLN A 136 -13.57 3.43 -0.54
N HIS A 137 -12.60 3.93 0.22
CA HIS A 137 -11.86 5.12 -0.20
C HIS A 137 -10.52 4.80 -0.84
N GLU A 138 -10.16 3.51 -0.86
CA GLU A 138 -8.87 3.09 -1.40
C GLU A 138 -8.87 2.29 -2.69
N VAL A 139 -9.90 1.49 -2.91
CA VAL A 139 -9.95 0.67 -4.12
C VAL A 139 -11.23 0.83 -4.92
N ASP A 140 -11.19 0.37 -6.16
CA ASP A 140 -12.33 0.41 -7.07
C ASP A 140 -13.04 -0.94 -7.05
N PHE A 141 -12.28 -1.98 -6.75
CA PHE A 141 -12.79 -3.35 -6.67
C PHE A 141 -12.08 -4.04 -5.53
N LEU A 142 -12.74 -5.03 -4.94
CA LEU A 142 -12.20 -5.78 -3.82
C LEU A 142 -12.55 -7.26 -3.93
N PHE A 143 -11.62 -8.13 -3.57
CA PHE A 143 -11.85 -9.55 -3.58
C PHE A 143 -11.60 -9.99 -2.15
N CYS A 144 -12.42 -10.93 -1.67
CA CYS A 144 -12.30 -11.45 -0.32
C CYS A 144 -12.05 -12.94 -0.48
N MET A 145 -10.90 -13.42 -0.02
CA MET A 145 -10.54 -14.82 -0.18
C MET A 145 -10.14 -15.60 1.05
N ASP A 146 -10.30 -16.92 0.97
CA ASP A 146 -9.89 -17.84 2.02
C ASP A 146 -8.36 -17.84 1.95
N VAL A 147 -7.69 -18.21 3.03
CA VAL A 147 -6.23 -18.23 3.02
C VAL A 147 -5.66 -19.61 2.65
N ASP A 148 -6.48 -20.65 2.80
CA ASP A 148 -6.04 -22.02 2.50
C ASP A 148 -6.06 -22.39 1.02
N GLN A 149 -5.41 -21.57 0.21
CA GLN A 149 -5.30 -21.79 -1.23
C GLN A 149 -4.08 -21.03 -1.76
N VAL A 150 -3.67 -21.34 -2.98
CA VAL A 150 -2.50 -20.70 -3.58
C VAL A 150 -2.73 -20.31 -5.05
N PHE A 151 -2.33 -19.09 -5.41
CA PHE A 151 -2.48 -18.65 -6.80
C PHE A 151 -1.48 -19.44 -7.64
N GLN A 152 -1.92 -19.97 -8.77
CA GLN A 152 -1.05 -20.76 -9.63
C GLN A 152 -0.72 -20.04 -10.94
N ASP A 153 -1.57 -19.10 -11.33
CA ASP A 153 -1.34 -18.34 -12.56
C ASP A 153 -2.05 -17.00 -12.48
N LYS A 154 -1.98 -16.21 -13.55
CA LYS A 154 -2.59 -14.88 -13.57
C LYS A 154 -4.08 -14.84 -13.26
N PHE A 155 -4.42 -14.04 -12.25
CA PHE A 155 -5.80 -13.84 -11.80
C PHE A 155 -5.96 -12.33 -11.97
N GLY A 156 -6.31 -11.90 -13.18
CA GLY A 156 -6.40 -10.47 -13.45
C GLY A 156 -7.71 -9.74 -13.65
N VAL A 157 -7.59 -8.59 -14.30
CA VAL A 157 -8.74 -7.72 -14.55
C VAL A 157 -9.95 -8.39 -15.20
N GLU A 158 -9.74 -9.54 -15.84
CA GLU A 158 -10.86 -10.24 -16.47
C GLU A 158 -11.85 -10.74 -15.41
N THR A 159 -11.44 -10.71 -14.15
CA THR A 159 -12.28 -11.17 -13.06
C THR A 159 -13.08 -10.05 -12.38
N LEU A 160 -12.76 -8.80 -12.71
CA LEU A 160 -13.45 -7.66 -12.11
C LEU A 160 -14.90 -7.47 -12.57
N GLY A 161 -15.71 -6.89 -11.69
CA GLY A 161 -17.11 -6.65 -11.97
C GLY A 161 -17.82 -6.10 -10.74
N GLU A 162 -19.07 -5.69 -10.90
CA GLU A 162 -19.86 -5.15 -9.78
C GLU A 162 -19.93 -6.15 -8.63
N SER A 163 -20.37 -7.37 -8.94
CA SER A 163 -20.47 -8.44 -7.96
C SER A 163 -19.96 -9.71 -8.64
N VAL A 164 -18.95 -10.33 -8.03
CA VAL A 164 -18.32 -11.52 -8.60
C VAL A 164 -18.42 -12.76 -7.73
N ALA A 165 -18.90 -13.85 -8.32
CA ALA A 165 -19.07 -15.12 -7.62
C ALA A 165 -18.18 -16.21 -8.21
N GLN A 166 -17.83 -17.19 -7.38
CA GLN A 166 -16.96 -18.30 -7.74
C GLN A 166 -17.71 -19.64 -7.74
N LEU A 167 -17.56 -20.41 -8.82
CA LEU A 167 -18.21 -21.72 -8.88
C LEU A 167 -17.40 -22.74 -8.09
N GLN A 168 -18.04 -23.42 -7.26
CA GLN A 168 -17.40 -24.46 -6.52
C GLN A 168 -16.94 -25.62 -7.36
N ALA A 169 -15.63 -25.92 -7.30
CA ALA A 169 -15.04 -26.94 -8.17
C ALA A 169 -15.73 -28.31 -8.22
N TRP A 170 -16.32 -28.74 -7.11
CA TRP A 170 -16.97 -30.06 -7.09
C TRP A 170 -18.38 -30.13 -7.63
N TRP A 171 -19.04 -28.99 -7.80
CA TRP A 171 -20.44 -29.01 -8.24
C TRP A 171 -20.83 -28.19 -9.46
N TYR A 172 -19.86 -27.66 -10.20
CA TYR A 172 -20.20 -26.82 -11.34
C TYR A 172 -21.00 -27.51 -12.45
N LYS A 173 -21.02 -28.84 -12.44
CA LYS A 173 -21.75 -29.60 -13.44
C LYS A 173 -22.97 -30.29 -12.86
N ALA A 174 -23.16 -30.14 -11.55
CA ALA A 174 -24.28 -30.76 -10.85
C ALA A 174 -25.60 -30.01 -11.02
N ASP A 175 -26.70 -30.73 -10.82
CA ASP A 175 -28.04 -30.16 -10.90
C ASP A 175 -28.32 -29.46 -9.57
N PRO A 176 -29.08 -28.36 -9.60
CA PRO A 176 -29.41 -27.61 -8.38
C PRO A 176 -29.90 -28.46 -7.21
N ASN A 177 -30.69 -29.50 -7.48
CA ASN A 177 -31.21 -30.32 -6.41
C ASN A 177 -30.18 -31.17 -5.68
N ASP A 178 -28.98 -31.25 -6.24
CA ASP A 178 -27.88 -31.99 -5.62
C ASP A 178 -26.94 -31.05 -4.85
N PHE A 179 -27.09 -29.75 -5.10
CA PHE A 179 -26.27 -28.72 -4.44
C PHE A 179 -26.41 -28.81 -2.92
N THR A 180 -25.32 -28.60 -2.20
CA THR A 180 -25.39 -28.65 -0.74
C THR A 180 -25.84 -27.32 -0.11
N TYR A 181 -26.98 -26.81 -0.57
CA TYR A 181 -27.57 -25.59 -0.01
C TYR A 181 -28.10 -25.95 1.37
N GLU A 182 -28.49 -24.94 2.15
CA GLU A 182 -29.09 -25.17 3.46
C GLU A 182 -30.55 -25.47 3.12
N ARG A 183 -31.01 -26.66 3.50
CA ARG A 183 -32.37 -27.07 3.19
C ARG A 183 -33.38 -26.96 4.33
N ARG A 184 -32.95 -26.40 5.47
CA ARG A 184 -33.85 -26.25 6.60
C ARG A 184 -34.50 -24.88 6.57
N LYS A 185 -35.82 -24.88 6.39
CA LYS A 185 -36.58 -23.63 6.31
C LYS A 185 -36.41 -22.71 7.51
N GLU A 186 -35.90 -23.25 8.63
CA GLU A 186 -35.69 -22.47 9.84
C GLU A 186 -34.48 -21.55 9.74
N SER A 187 -33.65 -21.77 8.73
CA SER A 187 -32.44 -20.96 8.54
C SER A 187 -32.67 -19.85 7.55
N ALA A 188 -32.02 -18.71 7.80
CA ALA A 188 -32.14 -17.57 6.92
C ALA A 188 -31.47 -17.86 5.59
N ALA A 189 -30.65 -18.91 5.56
CA ALA A 189 -29.91 -19.31 4.35
C ALA A 189 -30.65 -20.33 3.48
N TYR A 190 -31.80 -20.75 3.97
CA TYR A 190 -32.63 -21.74 3.29
C TYR A 190 -32.96 -21.49 1.82
N ILE A 191 -32.74 -22.51 0.98
CA ILE A 191 -33.07 -22.45 -0.44
C ILE A 191 -33.84 -23.73 -0.70
N PRO A 192 -35.09 -23.61 -1.18
CA PRO A 192 -35.95 -24.75 -1.47
C PRO A 192 -35.47 -25.58 -2.66
N PHE A 193 -35.82 -26.86 -2.65
CA PHE A 193 -35.47 -27.68 -3.79
C PHE A 193 -36.34 -27.09 -4.90
N GLY A 194 -35.83 -27.06 -6.13
CA GLY A 194 -36.58 -26.47 -7.23
C GLY A 194 -36.08 -25.07 -7.54
N GLU A 195 -35.15 -24.59 -6.72
CA GLU A 195 -34.58 -23.27 -6.93
C GLU A 195 -33.05 -23.29 -6.90
N GLY A 196 -32.45 -22.23 -7.44
CA GLY A 196 -31.00 -22.13 -7.47
C GLY A 196 -30.42 -22.16 -8.88
N ASP A 197 -29.36 -21.40 -9.09
CA ASP A 197 -28.69 -21.32 -10.39
C ASP A 197 -27.39 -22.12 -10.40
N PHE A 198 -26.55 -21.88 -9.40
CA PHE A 198 -25.28 -22.58 -9.27
C PHE A 198 -24.92 -22.69 -7.79
N TYR A 199 -23.86 -23.44 -7.49
CA TYR A 199 -23.42 -23.52 -6.11
C TYR A 199 -22.10 -22.73 -6.03
N TYR A 200 -22.14 -21.58 -5.36
CA TYR A 200 -20.99 -20.71 -5.23
C TYR A 200 -20.08 -21.04 -4.05
N HIS A 201 -18.79 -20.89 -4.27
CA HIS A 201 -17.78 -21.16 -3.25
C HIS A 201 -17.52 -19.88 -2.46
N ALA A 202 -17.49 -19.98 -1.13
CA ALA A 202 -17.27 -18.79 -0.31
C ALA A 202 -15.79 -18.47 -0.16
N ALA A 203 -14.94 -19.26 -0.79
CA ALA A 203 -13.50 -19.07 -0.74
C ALA A 203 -13.09 -17.88 -1.59
N ILE A 204 -13.94 -17.49 -2.53
CA ILE A 204 -13.66 -16.35 -3.38
C ILE A 204 -14.92 -15.60 -3.78
N PHE A 205 -14.94 -14.30 -3.55
CA PHE A 205 -16.06 -13.48 -3.97
C PHE A 205 -15.58 -12.03 -3.95
N GLY A 206 -16.16 -11.19 -4.81
CA GLY A 206 -15.74 -9.80 -4.84
C GLY A 206 -16.69 -8.89 -5.59
N GLY A 207 -16.21 -7.71 -5.97
CA GLY A 207 -17.02 -6.74 -6.69
C GLY A 207 -16.61 -5.34 -6.27
N THR A 208 -17.47 -4.35 -6.47
CA THR A 208 -17.14 -3.00 -6.05
C THR A 208 -17.34 -2.93 -4.54
N PRO A 209 -16.67 -1.99 -3.86
CA PRO A 209 -16.84 -1.89 -2.41
C PRO A 209 -18.30 -1.80 -1.99
N THR A 210 -19.10 -1.08 -2.79
CA THR A 210 -20.51 -0.93 -2.50
C THR A 210 -21.23 -2.28 -2.50
N GLN A 211 -20.96 -3.08 -3.53
CA GLN A 211 -21.60 -4.40 -3.64
C GLN A 211 -21.12 -5.38 -2.59
N VAL A 212 -19.81 -5.43 -2.37
CA VAL A 212 -19.28 -6.35 -1.37
C VAL A 212 -19.84 -5.97 0.02
N LEU A 213 -20.02 -4.67 0.26
CA LEU A 213 -20.57 -4.25 1.54
C LEU A 213 -21.98 -4.83 1.73
N ASN A 214 -22.75 -4.90 0.65
CA ASN A 214 -24.10 -5.45 0.75
C ASN A 214 -24.04 -6.97 0.91
N ILE A 215 -23.17 -7.61 0.15
CA ILE A 215 -23.01 -9.06 0.23
C ILE A 215 -22.68 -9.45 1.66
N THR A 216 -21.65 -8.81 2.20
CA THR A 216 -21.21 -9.11 3.56
C THR A 216 -22.24 -8.74 4.63
N GLN A 217 -22.83 -7.56 4.53
CA GLN A 217 -23.82 -7.14 5.52
C GLN A 217 -25.04 -8.07 5.56
N GLU A 218 -25.55 -8.45 4.39
CA GLU A 218 -26.71 -9.33 4.34
C GLU A 218 -26.40 -10.75 4.81
N CYS A 219 -25.21 -11.24 4.49
CA CYS A 219 -24.86 -12.57 4.96
C CYS A 219 -24.77 -12.55 6.47
N PHE A 220 -24.10 -11.54 7.02
CA PHE A 220 -23.96 -11.49 8.47
C PHE A 220 -25.30 -11.34 9.17
N LYS A 221 -26.24 -10.63 8.54
CA LYS A 221 -27.55 -10.47 9.13
C LYS A 221 -28.22 -11.85 9.22
N GLY A 222 -28.06 -12.65 8.18
CA GLY A 222 -28.62 -14.00 8.19
C GLY A 222 -27.93 -14.84 9.25
N ILE A 223 -26.64 -14.62 9.42
CA ILE A 223 -25.85 -15.36 10.41
C ILE A 223 -26.32 -15.04 11.83
N LEU A 224 -26.57 -13.75 12.09
CA LEU A 224 -27.04 -13.33 13.39
C LEU A 224 -28.47 -13.80 13.64
N LYS A 225 -29.30 -13.75 12.59
CA LYS A 225 -30.68 -14.19 12.73
C LYS A 225 -30.71 -15.66 13.14
N ASP A 226 -29.96 -16.48 12.42
CA ASP A 226 -29.91 -17.91 12.72
C ASP A 226 -29.49 -18.15 14.16
N LYS A 227 -28.60 -17.32 14.67
CA LYS A 227 -28.16 -17.47 16.06
C LYS A 227 -29.34 -17.19 17.00
N LYS A 228 -30.21 -16.27 16.63
CA LYS A 228 -31.38 -15.96 17.47
C LYS A 228 -32.41 -17.07 17.41
N ASN A 229 -32.34 -17.91 16.37
CA ASN A 229 -33.28 -19.01 16.21
C ASN A 229 -32.66 -20.36 16.53
N ASP A 230 -31.49 -20.33 17.15
CA ASP A 230 -30.78 -21.55 17.55
C ASP A 230 -30.50 -22.50 16.40
N ILE A 231 -30.00 -21.97 15.29
CA ILE A 231 -29.68 -22.82 14.16
C ILE A 231 -28.42 -22.27 13.52
N GLU A 232 -27.62 -23.17 12.94
CA GLU A 232 -26.39 -22.78 12.28
C GLU A 232 -26.33 -23.47 10.94
N ALA A 233 -26.27 -22.68 9.87
CA ALA A 233 -26.23 -23.20 8.52
C ALA A 233 -25.20 -24.30 8.29
N GLN A 234 -25.61 -25.29 7.50
CA GLN A 234 -24.79 -26.44 7.14
C GLN A 234 -23.37 -26.05 6.73
N TRP A 235 -23.24 -25.09 5.81
CA TRP A 235 -21.92 -24.66 5.40
C TRP A 235 -21.63 -23.21 5.75
N HIS A 236 -22.11 -22.85 6.93
CA HIS A 236 -21.90 -21.55 7.51
C HIS A 236 -22.12 -20.37 6.58
N GLU A 237 -21.22 -19.40 6.56
CA GLU A 237 -21.44 -18.23 5.72
C GLU A 237 -21.56 -18.56 4.23
N GLU A 238 -21.09 -19.74 3.82
CA GLU A 238 -21.18 -20.12 2.42
C GLU A 238 -22.64 -20.37 2.07
N SER A 239 -23.38 -20.91 3.04
CA SER A 239 -24.79 -21.19 2.83
C SER A 239 -25.53 -19.86 2.65
N HIS A 240 -25.17 -18.89 3.46
CA HIS A 240 -25.77 -17.57 3.38
C HIS A 240 -25.37 -16.83 2.10
N LEU A 241 -24.13 -17.03 1.68
CA LEU A 241 -23.64 -16.40 0.46
C LEU A 241 -24.46 -16.90 -0.73
N ASN A 242 -24.70 -18.20 -0.75
CA ASN A 242 -25.48 -18.79 -1.83
C ASN A 242 -26.92 -18.27 -1.85
N LYS A 243 -27.50 -18.05 -0.67
CA LYS A 243 -28.85 -17.52 -0.59
C LYS A 243 -28.82 -16.09 -1.15
N TYR A 244 -27.76 -15.36 -0.81
CA TYR A 244 -27.61 -13.99 -1.28
C TYR A 244 -27.54 -13.90 -2.80
N PHE A 245 -26.63 -14.68 -3.39
CA PHE A 245 -26.46 -14.66 -4.84
C PHE A 245 -27.66 -15.22 -5.59
N LEU A 246 -28.59 -15.87 -4.88
CA LEU A 246 -29.78 -16.38 -5.53
C LEU A 246 -30.74 -15.21 -5.71
N LEU A 247 -30.82 -14.36 -4.69
CA LEU A 247 -31.70 -13.19 -4.70
C LEU A 247 -31.11 -12.02 -5.48
N ASN A 248 -29.80 -11.85 -5.37
CA ASN A 248 -29.09 -10.77 -6.03
C ASN A 248 -28.05 -11.42 -6.93
N LYS A 249 -28.44 -11.68 -8.18
CA LYS A 249 -27.57 -12.33 -9.16
C LYS A 249 -26.23 -11.63 -9.40
N PRO A 250 -25.12 -12.38 -9.33
CA PRO A 250 -23.80 -11.79 -9.56
C PRO A 250 -23.69 -11.31 -11.01
N THR A 251 -22.97 -10.22 -11.24
CA THR A 251 -22.81 -9.68 -12.60
C THR A 251 -21.69 -10.39 -13.34
N LYS A 252 -20.97 -11.25 -12.63
CA LYS A 252 -19.90 -12.03 -13.23
C LYS A 252 -19.63 -13.26 -12.37
N ILE A 253 -19.35 -14.37 -13.02
CA ILE A 253 -19.05 -15.64 -12.36
C ILE A 253 -17.71 -16.17 -12.87
N LEU A 254 -16.91 -16.76 -12.00
CA LEU A 254 -15.62 -17.31 -12.39
C LEU A 254 -15.71 -18.82 -12.49
N SER A 255 -15.12 -19.40 -13.53
CA SER A 255 -15.15 -20.85 -13.72
C SER A 255 -14.31 -21.48 -12.63
N PRO A 256 -14.40 -22.80 -12.46
CA PRO A 256 -13.64 -23.54 -11.45
C PRO A 256 -12.14 -23.45 -11.67
N GLU A 257 -11.74 -22.97 -12.84
CA GLU A 257 -10.32 -22.83 -13.14
C GLU A 257 -9.71 -21.79 -12.20
N TYR A 258 -10.55 -20.91 -11.67
CA TYR A 258 -10.10 -19.85 -10.78
C TYR A 258 -10.05 -20.26 -9.30
N CYS A 259 -10.42 -21.49 -9.01
CA CYS A 259 -10.41 -22.02 -7.64
C CYS A 259 -10.63 -23.52 -7.80
N TRP A 260 -9.56 -24.21 -8.19
CA TRP A 260 -9.62 -25.64 -8.44
C TRP A 260 -9.04 -26.52 -7.34
N ASP A 261 -9.61 -27.71 -7.18
CA ASP A 261 -9.14 -28.66 -6.19
C ASP A 261 -8.53 -29.83 -6.94
N TYR A 262 -7.21 -29.96 -6.84
CA TYR A 262 -6.52 -31.03 -7.55
C TYR A 262 -6.90 -32.43 -7.14
N HIS A 263 -7.60 -32.58 -6.02
CA HIS A 263 -7.99 -33.93 -5.62
C HIS A 263 -9.02 -34.52 -6.56
N ILE A 264 -9.66 -33.65 -7.33
CA ILE A 264 -10.65 -34.10 -8.31
C ILE A 264 -9.86 -34.66 -9.49
N GLY A 265 -8.62 -34.18 -9.61
CA GLY A 265 -7.75 -34.56 -10.71
C GLY A 265 -7.77 -33.38 -11.64
N LEU A 266 -7.49 -33.58 -12.93
CA LEU A 266 -7.53 -32.47 -13.86
C LEU A 266 -8.24 -32.87 -15.14
N PRO A 267 -9.55 -32.60 -15.21
CA PRO A 267 -10.38 -32.93 -16.38
C PRO A 267 -10.16 -31.97 -17.55
N ALA A 268 -10.69 -32.32 -18.72
CA ALA A 268 -10.52 -31.49 -19.90
C ALA A 268 -11.08 -30.08 -19.82
N ASP A 269 -12.09 -29.87 -18.99
CA ASP A 269 -12.69 -28.55 -18.85
C ASP A 269 -11.78 -27.53 -18.19
N ILE A 270 -10.88 -28.00 -17.33
CA ILE A 270 -9.97 -27.13 -16.62
C ILE A 270 -8.69 -26.92 -17.44
N LYS A 271 -8.70 -25.87 -18.26
CA LYS A 271 -7.59 -25.59 -19.16
C LYS A 271 -6.35 -24.94 -18.54
N LEU A 272 -6.57 -23.97 -17.65
CA LEU A 272 -5.48 -23.26 -16.99
C LEU A 272 -5.88 -22.84 -15.58
N VAL A 273 -5.32 -23.50 -14.59
CA VAL A 273 -5.64 -23.21 -13.19
C VAL A 273 -4.97 -21.93 -12.70
N LYS A 274 -5.78 -21.03 -12.15
CA LYS A 274 -5.26 -19.77 -11.62
C LYS A 274 -5.06 -19.86 -10.11
N MET A 275 -5.79 -20.76 -9.47
CA MET A 275 -5.70 -20.96 -8.03
C MET A 275 -6.06 -22.39 -7.67
N SER A 276 -5.42 -22.91 -6.63
CA SER A 276 -5.69 -24.27 -6.21
C SER A 276 -5.92 -24.36 -4.70
N TRP A 277 -6.75 -25.31 -4.29
CA TRP A 277 -7.06 -25.52 -2.88
C TRP A 277 -5.87 -26.12 -2.16
N GLN A 278 -5.72 -25.80 -0.87
CA GLN A 278 -4.65 -26.40 -0.09
C GLN A 278 -5.28 -27.64 0.51
N THR A 279 -4.50 -28.71 0.67
CA THR A 279 -5.04 -29.93 1.27
C THR A 279 -5.57 -29.58 2.67
N LYS A 280 -6.71 -30.15 3.05
CA LYS A 280 -7.28 -29.85 4.36
C LYS A 280 -6.42 -30.50 5.45
N GLU A 281 -6.26 -29.81 6.57
CA GLU A 281 -5.45 -30.32 7.69
C GLU A 281 -6.12 -29.88 8.98
N TYR A 282 -7.44 -30.08 9.04
CA TYR A 282 -8.26 -29.70 10.19
C TYR A 282 -7.75 -30.18 11.53
N ASN A 283 -7.16 -31.36 11.56
CA ASN A 283 -6.66 -31.92 12.81
C ASN A 283 -5.68 -30.99 13.50
N VAL A 284 -4.95 -30.22 12.70
CA VAL A 284 -3.96 -29.31 13.25
C VAL A 284 -4.41 -27.85 13.29
N VAL A 285 -4.93 -27.34 12.17
CA VAL A 285 -5.35 -25.95 12.10
C VAL A 285 -6.63 -25.57 12.84
N ARG A 286 -7.48 -26.54 13.18
CA ARG A 286 -8.72 -26.24 13.91
C ARG A 286 -8.66 -26.82 15.32
N ASN A 287 -9.24 -26.10 16.28
CA ASN A 287 -9.23 -26.54 17.68
C ASN A 287 -10.55 -27.04 18.26
N ASN A 288 -11.57 -27.17 17.42
CA ASN A 288 -12.86 -27.67 17.87
C ASN A 288 -13.60 -28.35 16.73
N VAL A 289 -14.54 -29.22 17.07
CA VAL A 289 -15.34 -29.91 16.04
C VAL A 289 -16.52 -29.01 15.70
N SER B 2 -6.52 24.58 -16.75
CA SER B 2 -5.09 24.37 -17.09
C SER B 2 -4.21 23.97 -15.92
N LYS B 3 -2.90 24.12 -16.10
CA LYS B 3 -1.90 23.74 -15.10
C LYS B 3 -1.91 24.57 -13.82
N LEU B 4 -1.21 24.06 -12.81
CA LEU B 4 -1.09 24.72 -11.52
C LEU B 4 -0.10 25.90 -11.64
N LYS B 5 -0.47 27.03 -11.05
CA LYS B 5 0.38 28.22 -11.06
C LYS B 5 0.78 28.53 -9.62
N LEU B 6 2.01 29.02 -9.42
CA LEU B 6 2.52 29.33 -8.08
C LEU B 6 1.60 30.21 -7.24
N SER B 7 1.00 31.22 -7.86
CA SER B 7 0.11 32.14 -7.15
C SER B 7 -1.22 31.48 -6.80
N ASP B 8 -1.54 30.36 -7.45
CA ASP B 8 -2.78 29.65 -7.18
C ASP B 8 -2.86 29.21 -5.72
N TRP B 9 -1.72 28.81 -5.17
CA TRP B 9 -1.66 28.30 -3.81
C TRP B 9 -0.64 28.98 -2.88
N PHE B 10 0.28 29.75 -3.44
CA PHE B 10 1.33 30.41 -2.66
C PHE B 10 1.22 31.93 -2.57
N ASN B 11 1.16 32.45 -1.35
CA ASN B 11 1.07 33.90 -1.12
C ASN B 11 2.19 34.29 -0.16
N PRO B 12 3.30 34.78 -0.70
CA PRO B 12 4.47 35.20 0.09
C PRO B 12 4.22 36.33 1.07
N PHE B 13 3.33 37.25 0.71
CA PHE B 13 3.03 38.39 1.56
C PHE B 13 2.41 38.08 2.90
N LYS B 14 1.99 36.83 3.10
CA LYS B 14 1.41 36.41 4.38
C LYS B 14 2.52 36.25 5.43
N ARG B 15 3.77 36.17 4.98
CA ARG B 15 4.93 36.04 5.86
C ARG B 15 6.02 36.99 5.36
N PRO B 16 5.82 38.31 5.53
CA PRO B 16 6.79 39.31 5.08
C PRO B 16 8.08 39.37 5.85
N GLU B 17 8.09 38.76 7.03
CA GLU B 17 9.26 38.79 7.90
C GLU B 17 10.34 37.73 7.64
N VAL B 18 10.08 36.81 6.72
CA VAL B 18 11.04 35.75 6.40
C VAL B 18 11.23 35.63 4.88
N VAL B 19 12.19 34.81 4.47
CA VAL B 19 12.46 34.64 3.06
C VAL B 19 11.44 33.70 2.43
N THR B 20 10.66 34.22 1.49
CA THR B 20 9.62 33.42 0.84
C THR B 20 9.87 33.11 -0.63
N MET B 21 10.91 33.71 -1.21
CA MET B 21 11.24 33.46 -2.61
C MET B 21 12.74 33.45 -2.81
N THR B 22 13.22 32.59 -3.70
CA THR B 22 14.65 32.53 -4.00
C THR B 22 14.88 33.31 -5.30
N LYS B 23 16.14 33.63 -5.58
CA LYS B 23 16.47 34.39 -6.78
C LYS B 23 16.19 33.61 -8.05
N TRP B 24 15.97 32.31 -7.93
CA TRP B 24 15.64 31.50 -9.10
C TRP B 24 14.15 31.22 -9.11
N LYS B 25 13.41 32.10 -8.44
CA LYS B 25 11.95 32.08 -8.38
C LYS B 25 11.26 30.91 -7.69
N ALA B 26 11.98 30.16 -6.87
CA ALA B 26 11.36 29.03 -6.18
C ALA B 26 10.80 29.52 -4.86
N PRO B 27 9.67 28.95 -4.42
CA PRO B 27 9.08 29.37 -3.15
C PRO B 27 9.66 28.69 -1.93
N VAL B 28 9.67 29.41 -0.82
CA VAL B 28 10.13 28.86 0.45
C VAL B 28 8.82 28.81 1.24
N VAL B 29 8.32 27.60 1.48
CA VAL B 29 7.05 27.42 2.15
C VAL B 29 7.06 27.59 3.67
N TRP B 30 6.39 28.63 4.13
CA TRP B 30 6.26 28.92 5.56
C TRP B 30 4.79 28.89 5.93
N GLU B 31 4.49 28.47 7.16
CA GLU B 31 3.12 28.41 7.63
C GLU B 31 2.44 29.76 7.33
N GLY B 32 1.27 29.70 6.70
CA GLY B 32 0.53 30.91 6.37
C GLY B 32 0.59 31.30 4.91
N THR B 33 1.63 30.86 4.20
CA THR B 33 1.77 31.20 2.79
C THR B 33 1.08 30.25 1.83
N TYR B 34 0.70 29.07 2.32
CA TYR B 34 0.07 28.08 1.44
C TYR B 34 -1.43 27.87 1.62
N ASN B 35 -2.07 27.55 0.51
CA ASN B 35 -3.51 27.28 0.48
C ASN B 35 -3.64 25.79 0.26
N ARG B 36 -3.66 25.01 1.34
CA ARG B 36 -3.75 23.57 1.21
C ARG B 36 -5.07 23.09 0.61
N ALA B 37 -6.15 23.84 0.85
CA ALA B 37 -7.46 23.47 0.33
C ALA B 37 -7.44 23.43 -1.20
N VAL B 38 -6.86 24.47 -1.80
CA VAL B 38 -6.79 24.53 -3.26
C VAL B 38 -5.96 23.36 -3.80
N LEU B 39 -4.86 23.05 -3.13
CA LEU B 39 -3.98 21.97 -3.58
C LEU B 39 -4.56 20.57 -3.37
N ASP B 40 -5.25 20.34 -2.25
CA ASP B 40 -5.85 19.02 -2.02
C ASP B 40 -6.84 18.73 -3.15
N ASN B 41 -7.50 19.78 -3.64
CA ASN B 41 -8.48 19.60 -4.73
C ASN B 41 -7.79 19.24 -6.04
N TYR B 42 -6.86 20.09 -6.43
CA TYR B 42 -6.10 19.91 -7.66
C TYR B 42 -5.51 18.51 -7.71
N TYR B 43 -4.76 18.13 -6.67
CA TYR B 43 -4.14 16.82 -6.63
C TYR B 43 -5.10 15.64 -6.55
N ALA B 44 -6.26 15.83 -5.91
CA ALA B 44 -7.24 14.76 -5.82
C ALA B 44 -7.72 14.40 -7.23
N LYS B 45 -7.97 15.43 -8.05
CA LYS B 45 -8.42 15.23 -9.42
C LYS B 45 -7.35 14.57 -10.29
N GLN B 46 -6.08 14.72 -9.92
CA GLN B 46 -4.98 14.09 -10.66
C GLN B 46 -4.76 12.70 -10.09
N LYS B 47 -5.50 12.37 -9.03
CA LYS B 47 -5.42 11.09 -8.34
C LYS B 47 -3.96 10.71 -8.12
N ILE B 48 -3.24 11.54 -7.38
CA ILE B 48 -1.83 11.28 -7.12
C ILE B 48 -1.64 10.33 -5.93
N THR B 49 -0.46 9.74 -5.87
CA THR B 49 -0.09 8.85 -4.76
C THR B 49 1.29 9.33 -4.36
N VAL B 50 1.53 9.43 -3.05
CA VAL B 50 2.80 9.92 -2.56
C VAL B 50 3.54 8.86 -1.78
N GLY B 51 4.83 8.70 -2.10
CA GLY B 51 5.65 7.72 -1.40
C GLY B 51 6.52 8.37 -0.34
N LEU B 52 6.99 7.55 0.59
CA LEU B 52 7.85 8.05 1.66
C LEU B 52 8.81 6.93 2.04
N THR B 53 10.11 7.17 1.91
CA THR B 53 11.09 6.16 2.28
C THR B 53 11.69 6.50 3.62
N VAL B 54 12.05 5.46 4.38
CA VAL B 54 12.67 5.65 5.69
C VAL B 54 13.49 4.41 6.01
N PHE B 55 14.69 4.62 6.54
CA PHE B 55 15.59 3.54 6.89
C PHE B 55 15.73 3.44 8.40
N ALA B 56 15.92 2.22 8.90
CA ALA B 56 16.12 2.00 10.32
C ALA B 56 16.99 0.76 10.42
N VAL B 57 18.24 0.97 10.80
CA VAL B 57 19.22 -0.10 10.93
C VAL B 57 19.80 -0.06 12.34
N GLY B 58 19.90 -1.23 12.97
CA GLY B 58 20.44 -1.27 14.32
C GLY B 58 19.41 -0.77 15.31
N ARG B 59 19.87 -0.17 16.40
CA ARG B 59 18.95 0.30 17.41
C ARG B 59 18.01 1.43 17.00
N TYR B 60 18.19 1.95 15.80
CA TYR B 60 17.30 3.00 15.31
C TYR B 60 15.90 2.42 15.13
N ILE B 61 15.81 1.10 14.96
CA ILE B 61 14.52 0.44 14.79
C ILE B 61 13.65 0.62 16.04
N GLU B 62 14.15 0.14 17.18
CA GLU B 62 13.39 0.24 18.44
C GLU B 62 13.24 1.67 18.93
N HIS B 63 14.30 2.45 18.77
CA HIS B 63 14.32 3.84 19.21
C HIS B 63 13.43 4.82 18.46
N TYR B 64 13.35 4.70 17.14
CA TYR B 64 12.59 5.67 16.35
C TYR B 64 11.58 5.23 15.31
N LEU B 65 11.69 4.00 14.79
CA LEU B 65 10.78 3.59 13.71
C LEU B 65 9.30 3.67 14.00
N GLU B 66 8.86 3.18 15.16
CA GLU B 66 7.44 3.23 15.48
C GLU B 66 6.92 4.65 15.61
N GLU B 67 7.62 5.46 16.40
CA GLU B 67 7.18 6.83 16.59
C GLU B 67 7.12 7.53 15.25
N PHE B 68 8.10 7.26 14.41
CA PHE B 68 8.13 7.90 13.09
C PHE B 68 6.90 7.52 12.27
N LEU B 69 6.68 6.23 12.13
CA LEU B 69 5.55 5.75 11.34
C LEU B 69 4.19 6.11 11.90
N THR B 70 4.05 6.02 13.22
CA THR B 70 2.77 6.36 13.85
C THR B 70 2.42 7.82 13.55
N SER B 71 3.41 8.70 13.65
CA SER B 71 3.18 10.12 13.39
C SER B 71 2.96 10.39 11.91
N ALA B 72 3.66 9.64 11.07
CA ALA B 72 3.55 9.80 9.62
C ALA B 72 2.14 9.43 9.15
N ASN B 73 1.62 8.34 9.71
CA ASN B 73 0.29 7.86 9.36
C ASN B 73 -0.77 8.93 9.59
N LYS B 74 -0.61 9.61 10.72
CA LYS B 74 -1.53 10.64 11.14
C LYS B 74 -1.39 12.01 10.43
N HIS B 75 -0.18 12.38 10.03
CA HIS B 75 0.06 13.70 9.44
C HIS B 75 0.55 13.85 7.99
N PHE B 76 1.09 12.78 7.41
CA PHE B 76 1.67 12.86 6.07
C PHE B 76 0.69 12.73 4.88
N MET B 77 0.51 13.82 4.16
CA MET B 77 -0.36 13.84 2.98
C MET B 77 -1.76 13.29 3.25
N VAL B 78 -2.38 13.77 4.33
CA VAL B 78 -3.72 13.32 4.68
C VAL B 78 -4.69 13.59 3.54
N GLY B 79 -5.52 12.59 3.23
CA GLY B 79 -6.51 12.73 2.16
C GLY B 79 -6.07 12.18 0.81
N HIS B 80 -4.84 11.69 0.72
CA HIS B 80 -4.31 11.14 -0.52
C HIS B 80 -3.62 9.81 -0.26
N PRO B 81 -3.64 8.92 -1.26
CA PRO B 81 -3.00 7.61 -1.14
C PRO B 81 -1.52 7.79 -0.82
N VAL B 82 -1.03 7.06 0.18
CA VAL B 82 0.37 7.14 0.57
C VAL B 82 0.94 5.73 0.73
N ILE B 83 2.20 5.55 0.35
CA ILE B 83 2.87 4.27 0.52
C ILE B 83 4.15 4.51 1.30
N PHE B 84 4.31 3.79 2.40
CA PHE B 84 5.51 3.92 3.22
C PHE B 84 6.44 2.78 2.81
N TYR B 85 7.67 3.13 2.44
CA TYR B 85 8.65 2.13 2.04
C TYR B 85 9.66 2.06 3.17
N ILE B 86 9.63 0.99 3.94
CA ILE B 86 10.54 0.85 5.08
C ILE B 86 11.70 -0.07 4.78
N MET B 87 12.91 0.40 5.05
CA MET B 87 14.12 -0.39 4.84
C MET B 87 14.80 -0.63 6.18
N VAL B 88 14.91 -1.89 6.57
CA VAL B 88 15.54 -2.26 7.84
C VAL B 88 16.46 -3.45 7.63
N ASP B 89 17.37 -3.68 8.58
CA ASP B 89 18.28 -4.82 8.45
C ASP B 89 17.71 -6.08 9.10
N ASP B 90 16.73 -5.90 9.97
CA ASP B 90 16.10 -7.04 10.65
C ASP B 90 14.59 -6.85 10.57
N VAL B 91 13.94 -7.50 9.59
CA VAL B 91 12.49 -7.36 9.41
C VAL B 91 11.68 -7.92 10.56
N SER B 92 12.31 -8.77 11.38
CA SER B 92 11.64 -9.35 12.53
C SER B 92 11.38 -8.27 13.57
N ARG B 93 12.12 -7.17 13.49
CA ARG B 93 11.98 -6.07 14.43
C ARG B 93 11.09 -4.95 13.89
N MET B 94 10.70 -5.05 12.63
CA MET B 94 9.82 -4.06 11.99
C MET B 94 8.48 -4.01 12.72
N PRO B 95 8.10 -2.83 13.26
CA PRO B 95 6.83 -2.69 13.98
C PRO B 95 5.62 -2.55 13.05
N LEU B 96 4.79 -3.58 12.98
CA LEU B 96 3.62 -3.53 12.12
C LEU B 96 2.46 -2.88 12.87
N ILE B 97 2.55 -1.56 13.02
CA ILE B 97 1.52 -0.80 13.71
C ILE B 97 0.32 -0.66 12.77
N GLU B 98 -0.82 -0.26 13.33
CA GLU B 98 -2.00 -0.12 12.50
C GLU B 98 -2.03 1.18 11.70
N LEU B 99 -2.29 1.06 10.40
CA LEU B 99 -2.36 2.22 9.51
C LEU B 99 -3.80 2.64 9.28
N GLY B 100 -3.99 3.94 9.00
CA GLY B 100 -5.31 4.47 8.78
C GLY B 100 -5.68 4.59 7.31
N PRO B 101 -6.83 5.21 7.02
CA PRO B 101 -7.27 5.37 5.62
C PRO B 101 -6.22 5.96 4.68
N LEU B 102 -6.13 5.36 3.49
CA LEU B 102 -5.22 5.80 2.45
C LEU B 102 -3.73 5.59 2.71
N ARG B 103 -3.41 4.79 3.71
CA ARG B 103 -2.02 4.47 4.04
C ARG B 103 -1.78 2.97 3.81
N SER B 104 -0.61 2.63 3.27
CA SER B 104 -0.23 1.22 3.07
C SER B 104 1.30 1.12 3.22
N PHE B 105 1.84 -0.08 3.43
CA PHE B 105 3.28 -0.17 3.54
C PHE B 105 3.88 -1.30 2.72
N LYS B 106 5.20 -1.31 2.67
CA LYS B 106 5.99 -2.25 1.90
C LYS B 106 7.35 -2.27 2.60
N VAL B 107 7.72 -3.41 3.17
CA VAL B 107 8.99 -3.52 3.90
C VAL B 107 10.10 -4.28 3.15
N PHE B 108 11.32 -3.78 3.25
CA PHE B 108 12.48 -4.39 2.59
C PHE B 108 13.64 -4.64 3.55
N LYS B 109 14.27 -5.80 3.42
CA LYS B 109 15.42 -6.16 4.25
C LYS B 109 16.68 -5.69 3.54
N ILE B 110 17.50 -4.91 4.24
CA ILE B 110 18.74 -4.43 3.65
C ILE B 110 19.95 -4.86 4.48
N LYS B 111 21.10 -4.81 3.82
CA LYS B 111 22.36 -5.15 4.46
C LYS B 111 22.77 -3.99 5.37
N PRO B 112 23.21 -4.30 6.60
CA PRO B 112 23.62 -3.22 7.51
C PRO B 112 25.10 -2.92 7.28
N GLU B 113 25.41 -1.70 6.84
CA GLU B 113 26.81 -1.35 6.63
C GLU B 113 27.47 -1.33 8.02
N LYS B 114 28.78 -1.53 8.06
CA LYS B 114 29.53 -1.60 9.31
C LYS B 114 29.72 -0.28 10.04
N ARG B 115 29.83 0.82 9.28
CA ARG B 115 30.00 2.13 9.87
C ARG B 115 28.70 2.91 9.75
N TRP B 116 28.25 3.52 10.83
CA TRP B 116 27.00 4.28 10.78
C TRP B 116 27.05 5.34 9.69
N GLN B 117 28.25 5.86 9.42
CA GLN B 117 28.42 6.87 8.37
C GLN B 117 28.00 6.28 7.03
N ASP B 118 28.40 5.04 6.76
CA ASP B 118 28.03 4.40 5.51
C ASP B 118 26.56 4.00 5.50
N ILE B 119 26.01 3.74 6.68
CA ILE B 119 24.59 3.40 6.76
C ILE B 119 23.84 4.63 6.26
N SER B 120 24.24 5.79 6.76
CA SER B 120 23.61 7.05 6.38
C SER B 120 23.81 7.37 4.90
N MET B 121 25.02 7.15 4.39
CA MET B 121 25.32 7.46 2.99
C MET B 121 24.78 6.46 1.98
N MET B 122 24.82 5.19 2.32
CA MET B 122 24.36 4.14 1.43
C MET B 122 22.88 4.31 1.04
N ARG B 123 22.13 5.08 1.83
CA ARG B 123 20.73 5.30 1.54
C ARG B 123 20.56 5.85 0.13
N MET B 124 21.49 6.71 -0.29
CA MET B 124 21.42 7.31 -1.62
C MET B 124 21.41 6.27 -2.73
N LYS B 125 22.21 5.22 -2.55
CA LYS B 125 22.28 4.14 -3.54
C LYS B 125 20.99 3.33 -3.54
N THR B 126 20.60 2.85 -2.36
CA THR B 126 19.41 2.03 -2.19
C THR B 126 18.13 2.69 -2.68
N ILE B 127 17.97 3.98 -2.38
CA ILE B 127 16.79 4.71 -2.83
C ILE B 127 16.72 4.69 -4.36
N GLY B 128 17.85 5.00 -5.00
CA GLY B 128 17.89 5.03 -6.45
C GLY B 128 17.47 3.71 -7.07
N GLU B 129 17.93 2.61 -6.48
CA GLU B 129 17.60 1.27 -6.97
C GLU B 129 16.10 1.01 -6.85
N HIS B 130 15.53 1.37 -5.70
CA HIS B 130 14.11 1.16 -5.49
C HIS B 130 13.26 2.03 -6.39
N ILE B 131 13.75 3.21 -6.74
CA ILE B 131 12.99 4.09 -7.63
C ILE B 131 12.90 3.43 -9.00
N VAL B 132 14.03 2.91 -9.48
CA VAL B 132 14.07 2.26 -10.78
C VAL B 132 13.23 0.99 -10.78
N ALA B 133 13.41 0.17 -9.74
CA ALA B 133 12.70 -1.10 -9.61
C ALA B 133 11.18 -1.02 -9.43
N HIS B 134 10.71 -0.08 -8.61
CA HIS B 134 9.27 -0.01 -8.39
C HIS B 134 8.64 1.35 -8.06
N ILE B 135 9.33 2.18 -7.28
CA ILE B 135 8.75 3.46 -6.90
C ILE B 135 8.30 4.35 -8.08
N GLN B 136 9.04 4.35 -9.18
CA GLN B 136 8.66 5.17 -10.33
C GLN B 136 7.30 4.76 -10.91
N HIS B 137 6.92 3.52 -10.69
CA HIS B 137 5.66 2.98 -11.19
C HIS B 137 4.51 3.13 -10.19
N GLU B 138 4.85 3.39 -8.94
CA GLU B 138 3.87 3.47 -7.87
C GLU B 138 3.45 4.84 -7.36
N VAL B 139 4.28 5.86 -7.55
CA VAL B 139 3.92 7.19 -7.04
C VAL B 139 4.27 8.35 -7.99
N ASP B 140 3.64 9.49 -7.75
CA ASP B 140 3.85 10.69 -8.55
C ASP B 140 4.91 11.57 -7.90
N PHE B 141 5.03 11.44 -6.57
CA PHE B 141 6.00 12.20 -5.79
C PHE B 141 6.53 11.32 -4.68
N LEU B 142 7.76 11.59 -4.24
CA LEU B 142 8.38 10.80 -3.19
C LEU B 142 9.19 11.69 -2.24
N PHE B 143 9.15 11.36 -0.96
CA PHE B 143 9.93 12.07 0.05
C PHE B 143 10.80 11.01 0.69
N CYS B 144 12.02 11.40 1.02
CA CYS B 144 12.98 10.49 1.65
C CYS B 144 13.36 11.17 2.96
N MET B 145 13.14 10.47 4.08
CA MET B 145 13.43 11.08 5.37
C MET B 145 14.20 10.24 6.38
N ASP B 146 14.81 10.92 7.33
CA ASP B 146 15.54 10.28 8.43
C ASP B 146 14.45 9.70 9.32
N VAL B 147 14.81 8.73 10.16
CA VAL B 147 13.82 8.13 11.04
C VAL B 147 13.84 8.78 12.43
N ASP B 148 14.93 9.47 12.76
CA ASP B 148 15.07 10.11 14.07
C ASP B 148 14.36 11.46 14.18
N GLN B 149 13.08 11.45 13.85
CA GLN B 149 12.24 12.64 13.91
C GLN B 149 10.78 12.21 13.98
N VAL B 150 9.90 13.14 14.34
CA VAL B 150 8.48 12.84 14.49
C VAL B 150 7.59 13.94 13.89
N PHE B 151 6.54 13.54 13.18
CA PHE B 151 5.61 14.50 12.60
C PHE B 151 4.77 15.06 13.76
N GLN B 152 4.61 16.38 13.77
CA GLN B 152 3.83 17.04 14.83
C GLN B 152 2.53 17.65 14.33
N ASP B 153 2.46 17.89 13.02
CA ASP B 153 1.24 18.44 12.44
C ASP B 153 1.20 18.13 10.97
N LYS B 154 0.15 18.58 10.29
CA LYS B 154 -0.01 18.31 8.88
C LYS B 154 1.17 18.67 7.99
N PHE B 155 1.65 17.66 7.25
CA PHE B 155 2.77 17.77 6.33
C PHE B 155 2.12 17.33 5.03
N GLY B 156 1.49 18.28 4.33
CA GLY B 156 0.77 17.93 3.12
C GLY B 156 1.25 18.31 1.73
N VAL B 157 0.30 18.26 0.80
CA VAL B 157 0.55 18.55 -0.60
C VAL B 157 1.24 19.87 -0.90
N GLU B 158 1.16 20.83 0.02
CA GLU B 158 1.81 22.11 -0.19
C GLU B 158 3.33 21.91 -0.26
N THR B 159 3.78 20.72 0.14
CA THR B 159 5.21 20.42 0.13
C THR B 159 5.67 19.72 -1.16
N LEU B 160 4.70 19.36 -2.01
CA LEU B 160 5.03 18.67 -3.26
C LEU B 160 5.64 19.56 -4.33
N GLY B 161 6.56 18.99 -5.11
CA GLY B 161 7.23 19.72 -6.17
C GLY B 161 8.20 18.83 -6.95
N GLU B 162 8.76 19.37 -8.03
CA GLU B 162 9.71 18.62 -8.85
C GLU B 162 10.88 18.14 -8.00
N SER B 163 11.51 19.07 -7.31
CA SER B 163 12.63 18.77 -6.42
C SER B 163 12.41 19.63 -5.19
N VAL B 164 12.38 18.98 -4.02
CA VAL B 164 12.12 19.67 -2.76
C VAL B 164 13.25 19.55 -1.74
N ALA B 165 13.65 20.70 -1.20
CA ALA B 165 14.71 20.75 -0.20
C ALA B 165 14.22 21.29 1.13
N GLN B 166 14.92 20.92 2.20
CA GLN B 166 14.59 21.35 3.56
C GLN B 166 15.66 22.29 4.13
N LEU B 167 15.23 23.40 4.71
CA LEU B 167 16.18 24.33 5.32
C LEU B 167 16.53 23.82 6.71
N GLN B 168 17.81 23.55 6.95
CA GLN B 168 18.26 23.05 8.26
C GLN B 168 17.92 24.10 9.31
N ALA B 169 17.26 23.66 10.38
CA ALA B 169 16.81 24.54 11.45
C ALA B 169 17.81 25.51 12.09
N TRP B 170 19.04 25.06 12.33
CA TRP B 170 20.04 25.92 12.96
C TRP B 170 20.71 26.98 12.08
N TRP B 171 20.54 26.87 10.76
CA TRP B 171 21.23 27.79 9.86
C TRP B 171 20.42 28.62 8.88
N TYR B 172 19.09 28.58 8.96
CA TYR B 172 18.30 29.32 7.97
C TYR B 172 18.54 30.83 7.92
N LYS B 173 19.00 31.41 9.02
CA LYS B 173 19.26 32.85 9.06
C LYS B 173 20.76 33.15 8.96
N ALA B 174 21.58 32.12 8.94
CA ALA B 174 23.03 32.30 8.89
C ALA B 174 23.53 32.72 7.51
N ASP B 175 24.71 33.33 7.48
CA ASP B 175 25.32 33.75 6.23
C ASP B 175 25.95 32.49 5.61
N PRO B 176 25.82 32.33 4.30
CA PRO B 176 26.37 31.16 3.60
C PRO B 176 27.81 30.79 3.97
N ASN B 177 28.64 31.79 4.19
CA ASN B 177 30.03 31.54 4.52
C ASN B 177 30.29 30.97 5.90
N ASP B 178 29.21 30.82 6.67
CA ASP B 178 29.29 30.22 7.99
C ASP B 178 28.69 28.81 7.91
N PHE B 179 28.07 28.49 6.78
CA PHE B 179 27.46 27.17 6.55
C PHE B 179 28.53 26.10 6.70
N THR B 180 28.14 24.94 7.23
CA THR B 180 29.08 23.85 7.41
C THR B 180 29.18 23.00 6.14
N TYR B 181 29.44 23.67 5.01
CA TYR B 181 29.64 23.00 3.73
C TYR B 181 30.98 22.27 3.79
N GLU B 182 31.19 21.34 2.88
CA GLU B 182 32.48 20.66 2.80
C GLU B 182 33.36 21.72 2.17
N ARG B 183 34.45 22.09 2.86
CA ARG B 183 35.34 23.13 2.35
C ARG B 183 36.64 22.64 1.73
N ARG B 184 36.88 21.34 1.79
CA ARG B 184 38.09 20.78 1.21
C ARG B 184 37.93 20.49 -0.28
N LYS B 185 38.72 21.17 -1.11
CA LYS B 185 38.69 21.02 -2.56
C LYS B 185 38.83 19.59 -3.06
N GLU B 186 39.47 18.74 -2.27
CA GLU B 186 39.67 17.35 -2.66
C GLU B 186 38.38 16.55 -2.70
N SER B 187 37.35 17.04 -2.00
CA SER B 187 36.07 16.36 -1.94
C SER B 187 35.15 16.81 -3.06
N ALA B 188 34.36 15.86 -3.57
CA ALA B 188 33.42 16.14 -4.65
C ALA B 188 32.27 17.01 -4.16
N ALA B 189 32.13 17.15 -2.84
CA ALA B 189 31.06 17.95 -2.25
C ALA B 189 31.52 19.38 -1.95
N TYR B 190 32.74 19.69 -2.34
CA TYR B 190 33.33 21.00 -2.12
C TYR B 190 32.51 22.19 -2.61
N ILE B 191 32.39 23.20 -1.74
CA ILE B 191 31.70 24.43 -2.08
C ILE B 191 32.59 25.53 -1.53
N PRO B 192 33.17 26.35 -2.41
CA PRO B 192 34.06 27.43 -1.94
C PRO B 192 33.34 28.57 -1.25
N PHE B 193 34.08 29.31 -0.43
CA PHE B 193 33.52 30.46 0.26
C PHE B 193 33.11 31.42 -0.84
N GLY B 194 31.98 32.11 -0.65
CA GLY B 194 31.52 33.03 -1.67
C GLY B 194 30.44 32.37 -2.52
N GLU B 195 30.17 31.09 -2.25
CA GLU B 195 29.15 30.37 -2.99
C GLU B 195 28.13 29.74 -2.05
N GLY B 196 26.95 29.42 -2.59
CA GLY B 196 25.90 28.79 -1.80
C GLY B 196 24.69 29.68 -1.54
N ASP B 197 23.50 29.09 -1.59
CA ASP B 197 22.28 29.85 -1.35
C ASP B 197 21.74 29.60 0.05
N PHE B 198 21.65 28.32 0.42
CA PHE B 198 21.15 27.92 1.74
C PHE B 198 21.83 26.64 2.18
N TYR B 199 21.63 26.26 3.43
CA TYR B 199 22.18 25.00 3.93
C TYR B 199 21.00 24.07 4.08
N TYR B 200 20.97 23.06 3.22
CA TYR B 200 19.87 22.10 3.21
C TYR B 200 20.11 20.92 4.15
N HIS B 201 19.02 20.48 4.79
CA HIS B 201 19.06 19.37 5.73
C HIS B 201 18.82 18.06 4.98
N ALA B 202 19.69 17.09 5.18
CA ALA B 202 19.54 15.80 4.50
C ALA B 202 18.45 14.93 5.12
N ALA B 203 17.91 15.37 6.26
CA ALA B 203 16.86 14.62 6.95
C ALA B 203 15.54 14.59 6.18
N ILE B 204 15.38 15.54 5.24
CA ILE B 204 14.19 15.59 4.42
C ILE B 204 14.46 16.13 3.03
N PHE B 205 14.08 15.38 2.01
CA PHE B 205 14.19 15.84 0.63
C PHE B 205 13.26 15.01 -0.25
N GLY B 206 12.79 15.60 -1.36
CA GLY B 206 11.89 14.86 -2.22
C GLY B 206 11.72 15.45 -3.61
N GLY B 207 10.66 15.03 -4.29
CA GLY B 207 10.37 15.49 -5.64
C GLY B 207 9.76 14.35 -6.42
N THR B 208 9.71 14.47 -7.75
CA THR B 208 9.17 13.39 -8.55
C THR B 208 10.20 12.26 -8.53
N PRO B 209 9.79 11.03 -8.86
CA PRO B 209 10.75 9.94 -8.84
C PRO B 209 11.95 10.19 -9.76
N THR B 210 11.72 10.88 -10.87
CA THR B 210 12.79 11.21 -11.81
C THR B 210 13.83 12.10 -11.15
N GLN B 211 13.36 13.17 -10.50
CA GLN B 211 14.26 14.10 -9.83
C GLN B 211 14.97 13.46 -8.66
N VAL B 212 14.23 12.74 -7.83
CA VAL B 212 14.86 12.10 -6.68
C VAL B 212 15.91 11.10 -7.15
N LEU B 213 15.65 10.43 -8.26
CA LEU B 213 16.62 9.46 -8.78
C LEU B 213 17.92 10.18 -9.13
N ASN B 214 17.81 11.36 -9.73
CA ASN B 214 19.00 12.11 -10.09
C ASN B 214 19.71 12.62 -8.85
N ILE B 215 18.93 13.12 -7.90
CA ILE B 215 19.50 13.62 -6.66
C ILE B 215 20.31 12.53 -5.98
N THR B 216 19.69 11.37 -5.78
CA THR B 216 20.36 10.25 -5.11
C THR B 216 21.53 9.67 -5.91
N GLN B 217 21.41 9.66 -7.24
CA GLN B 217 22.46 9.14 -8.09
C GLN B 217 23.69 10.02 -8.11
N GLU B 218 23.49 11.33 -8.22
CA GLU B 218 24.61 12.26 -8.23
C GLU B 218 25.28 12.28 -6.86
N CYS B 219 24.48 12.22 -5.81
CA CYS B 219 25.06 12.22 -4.47
C CYS B 219 25.91 10.97 -4.24
N PHE B 220 25.43 9.80 -4.66
CA PHE B 220 26.20 8.59 -4.43
C PHE B 220 27.47 8.53 -5.28
N LYS B 221 27.43 9.16 -6.45
CA LYS B 221 28.59 9.19 -7.31
C LYS B 221 29.69 10.01 -6.63
N GLY B 222 29.28 11.09 -5.97
CA GLY B 222 30.24 11.93 -5.26
C GLY B 222 30.81 11.17 -4.07
N ILE B 223 29.95 10.41 -3.41
CA ILE B 223 30.36 9.64 -2.23
C ILE B 223 31.41 8.61 -2.64
N LEU B 224 31.18 7.93 -3.76
CA LEU B 224 32.11 6.92 -4.25
C LEU B 224 33.40 7.53 -4.77
N LYS B 225 33.29 8.70 -5.38
CA LYS B 225 34.49 9.37 -5.90
C LYS B 225 35.40 9.71 -4.72
N ASP B 226 34.82 10.24 -3.66
CA ASP B 226 35.59 10.59 -2.47
C ASP B 226 36.31 9.35 -1.92
N LYS B 227 35.62 8.21 -1.90
CA LYS B 227 36.24 6.99 -1.39
C LYS B 227 37.47 6.62 -2.22
N LYS B 228 37.44 6.92 -3.51
CA LYS B 228 38.56 6.62 -4.40
C LYS B 228 39.70 7.60 -4.14
N ASN B 229 39.35 8.76 -3.60
CA ASN B 229 40.36 9.77 -3.31
C ASN B 229 40.70 9.83 -1.84
N ASP B 230 40.33 8.77 -1.13
CA ASP B 230 40.61 8.65 0.29
C ASP B 230 40.19 9.86 1.12
N ILE B 231 38.94 10.28 0.95
CA ILE B 231 38.41 11.41 1.70
C ILE B 231 36.92 11.18 1.98
N GLU B 232 36.44 11.69 3.10
CA GLU B 232 35.03 11.54 3.44
C GLU B 232 34.46 12.88 3.89
N ALA B 233 33.44 13.36 3.18
CA ALA B 233 32.83 14.65 3.48
C ALA B 233 32.46 14.82 4.96
N GLN B 234 32.68 16.03 5.46
CA GLN B 234 32.42 16.36 6.86
C GLN B 234 31.05 15.91 7.36
N TRP B 235 30.00 16.19 6.58
CA TRP B 235 28.67 15.79 6.97
C TRP B 235 28.04 14.77 6.02
N HIS B 236 28.90 13.89 5.53
CA HIS B 236 28.52 12.79 4.68
C HIS B 236 27.59 13.11 3.53
N GLU B 237 26.57 12.30 3.31
CA GLU B 237 25.69 12.56 2.19
C GLU B 237 25.03 13.94 2.22
N GLU B 238 24.97 14.55 3.40
CA GLU B 238 24.37 15.88 3.49
C GLU B 238 25.23 16.90 2.75
N SER B 239 26.54 16.73 2.85
CA SER B 239 27.47 17.63 2.20
C SER B 239 27.31 17.52 0.69
N HIS B 240 27.11 16.29 0.22
CA HIS B 240 26.93 16.02 -1.20
C HIS B 240 25.57 16.55 -1.68
N LEU B 241 24.57 16.45 -0.82
CA LEU B 241 23.24 16.92 -1.18
C LEU B 241 23.27 18.43 -1.39
N ASN B 242 24.00 19.14 -0.52
CA ASN B 242 24.11 20.58 -0.65
C ASN B 242 24.85 20.96 -1.92
N LYS B 243 25.87 20.19 -2.27
CA LYS B 243 26.61 20.46 -3.51
C LYS B 243 25.63 20.27 -4.68
N TYR B 244 24.83 19.21 -4.61
CA TYR B 244 23.85 18.92 -5.66
C TYR B 244 22.84 20.06 -5.84
N PHE B 245 22.26 20.50 -4.72
CA PHE B 245 21.27 21.57 -4.74
C PHE B 245 21.85 22.94 -5.10
N LEU B 246 23.17 23.06 -5.04
CA LEU B 246 23.80 24.32 -5.42
C LEU B 246 23.79 24.34 -6.96
N LEU B 247 24.13 23.20 -7.56
CA LEU B 247 24.18 23.07 -9.02
C LEU B 247 22.81 22.93 -9.68
N ASN B 248 21.90 22.21 -9.01
CA ASN B 248 20.56 21.98 -9.53
C ASN B 248 19.58 22.52 -8.51
N LYS B 249 19.28 23.82 -8.62
CA LYS B 249 18.38 24.50 -7.69
C LYS B 249 17.05 23.78 -7.48
N PRO B 250 16.66 23.57 -6.22
CA PRO B 250 15.39 22.89 -5.94
C PRO B 250 14.22 23.77 -6.38
N THR B 251 13.13 23.16 -6.82
CA THR B 251 11.97 23.93 -7.26
C THR B 251 11.08 24.35 -6.09
N LYS B 252 11.38 23.81 -4.91
CA LYS B 252 10.64 24.17 -3.70
C LYS B 252 11.48 23.92 -2.46
N ILE B 253 11.42 24.87 -1.53
CA ILE B 253 12.16 24.73 -0.28
C ILE B 253 11.17 24.78 0.86
N LEU B 254 11.42 23.96 1.88
CA LEU B 254 10.54 23.94 3.04
C LEU B 254 11.19 24.74 4.17
N SER B 255 10.36 25.46 4.90
CA SER B 255 10.82 26.29 6.01
C SER B 255 11.21 25.40 7.19
N PRO B 256 12.00 25.94 8.16
CA PRO B 256 12.40 25.13 9.31
C PRO B 256 11.19 24.62 10.10
N GLU B 257 10.02 25.16 9.80
CA GLU B 257 8.82 24.73 10.51
C GLU B 257 8.52 23.28 10.16
N TYR B 258 9.08 22.83 9.04
CA TYR B 258 8.88 21.47 8.54
C TYR B 258 9.91 20.45 9.06
N CYS B 259 10.89 20.93 9.82
CA CYS B 259 11.92 20.07 10.40
C CYS B 259 12.61 20.92 11.46
N TRP B 260 11.93 21.08 12.60
CA TRP B 260 12.40 21.91 13.70
C TRP B 260 13.09 21.18 14.85
N ASP B 261 14.11 21.82 15.41
CA ASP B 261 14.84 21.25 16.56
C ASP B 261 14.49 22.08 17.78
N TYR B 262 13.66 21.52 18.66
CA TYR B 262 13.24 22.22 19.85
C TYR B 262 14.38 22.60 20.80
N HIS B 263 15.54 22.02 20.59
CA HIS B 263 16.69 22.39 21.38
C HIS B 263 17.07 23.84 21.20
N ILE B 264 16.59 24.40 20.12
CA ILE B 264 16.85 25.79 19.76
C ILE B 264 15.88 26.65 20.57
N GLY B 265 14.78 26.02 20.95
CA GLY B 265 13.72 26.71 21.66
C GLY B 265 12.65 26.92 20.60
N LEU B 266 11.78 27.89 20.79
CA LEU B 266 10.74 28.15 19.81
C LEU B 266 10.59 29.63 19.57
N PRO B 267 11.31 30.17 18.58
CA PRO B 267 11.27 31.61 18.25
C PRO B 267 10.02 32.00 17.46
N ALA B 268 9.82 33.32 17.32
CA ALA B 268 8.66 33.87 16.63
C ALA B 268 8.43 33.44 15.18
N ASP B 269 9.51 33.14 14.46
CA ASP B 269 9.39 32.74 13.06
C ASP B 269 8.74 31.36 12.85
N ILE B 270 8.83 30.49 13.85
CA ILE B 270 8.28 29.14 13.76
C ILE B 270 6.84 29.12 14.26
N LYS B 271 5.89 29.38 13.35
CA LYS B 271 4.48 29.46 13.68
C LYS B 271 3.73 28.16 13.95
N LEU B 272 4.05 27.11 13.20
CA LEU B 272 3.40 25.81 13.38
C LEU B 272 4.35 24.70 12.95
N VAL B 273 4.87 23.97 13.93
CA VAL B 273 5.80 22.88 13.65
C VAL B 273 5.13 21.63 13.09
N LYS B 274 5.61 21.18 11.94
CA LYS B 274 5.07 19.98 11.29
C LYS B 274 5.90 18.74 11.62
N MET B 275 7.16 18.95 11.95
CA MET B 275 8.05 17.85 12.32
C MET B 275 9.13 18.35 13.27
N SER B 276 9.56 17.49 14.18
CA SER B 276 10.59 17.86 15.14
C SER B 276 11.65 16.79 15.23
N TRP B 277 12.89 17.22 15.48
CA TRP B 277 14.03 16.31 15.61
C TRP B 277 13.90 15.53 16.90
N GLN B 278 14.40 14.30 16.90
CA GLN B 278 14.42 13.48 18.12
C GLN B 278 15.76 13.89 18.73
N THR B 279 15.83 13.93 20.05
CA THR B 279 17.07 14.30 20.72
C THR B 279 18.13 13.28 20.34
N LYS B 280 19.36 13.73 20.13
CA LYS B 280 20.43 12.82 19.75
C LYS B 280 20.85 11.88 20.89
N GLU B 281 21.05 10.61 20.56
CA GLU B 281 21.45 9.63 21.56
C GLU B 281 22.48 8.69 20.97
N TYR B 282 23.49 9.29 20.35
CA TYR B 282 24.56 8.57 19.67
C TYR B 282 25.28 7.54 20.54
N ASN B 283 25.45 7.85 21.84
CA ASN B 283 26.15 6.92 22.74
C ASN B 283 25.48 5.55 22.76
N VAL B 284 24.17 5.53 22.53
CA VAL B 284 23.41 4.29 22.54
C VAL B 284 23.00 3.74 21.17
N VAL B 285 22.53 4.61 20.27
CA VAL B 285 22.09 4.15 18.95
C VAL B 285 23.16 3.90 17.89
N ARG B 286 24.40 4.35 18.12
CA ARG B 286 25.49 4.13 17.18
C ARG B 286 26.56 3.24 17.82
N ASN B 287 27.16 2.35 17.05
CA ASN B 287 28.19 1.49 17.64
C ASN B 287 29.59 1.60 17.02
N ASN B 288 29.95 2.80 16.58
CA ASN B 288 31.28 3.05 16.01
C ASN B 288 31.46 4.55 15.88
N VAL B 289 32.71 4.99 16.01
CA VAL B 289 33.04 6.41 15.89
C VAL B 289 32.17 7.30 16.77
C1 NDG C . -15.52 -33.68 -1.45
C2 NDG C . -16.84 -32.98 -1.58
C3 NDG C . -16.65 -31.46 -1.68
C4 NDG C . -15.83 -31.00 -0.47
C5 NDG C . -14.50 -31.76 -0.33
C6 NDG C . -13.71 -31.27 0.88
C7 NDG C . -18.70 -34.03 -2.76
C8 NDG C . -19.12 -34.43 -4.01
O5 NDG C . -14.76 -33.20 -0.33
O3 NDG C . -17.82 -30.81 -1.79
O4 NDG C . -15.57 -29.63 -0.45
O6 NDG C . -12.54 -32.00 0.99
O7 NDG C . -19.37 -34.17 -1.79
N2 NDG C . -17.54 -33.49 -2.74
O1 NDG C . -15.71 -35.06 -1.35
C1 GAL C . -16.27 -28.88 0.52
C2 GAL C . -15.46 -27.59 0.85
C3 GAL C . -16.30 -26.71 1.77
C4 GAL C . -17.69 -26.44 1.12
C5 GAL C . -18.36 -27.85 0.80
C6 GAL C . -19.72 -27.64 0.10
O2 GAL C . -14.18 -27.81 1.46
O3 GAL C . -15.66 -25.54 2.10
O4 GAL C . -17.49 -25.62 -0.03
O5 GAL C . -17.54 -28.57 -0.01
O6 GAL C . -20.31 -28.86 -0.18
C1 NDG D . 24.06 22.63 17.03
C2 NDG D . 24.60 22.93 15.67
C3 NDG D . 23.78 22.22 14.59
C4 NDG D . 23.76 20.72 14.91
C5 NDG D . 23.26 20.43 16.34
C6 NDG D . 23.26 18.97 16.64
C7 NDG D . 25.56 25.18 15.32
C8 NDG D . 25.19 26.49 15.14
O5 NDG D . 24.02 21.22 17.30
O3 NDG D . 24.24 22.49 13.36
O4 NDG D . 23.02 19.95 14.02
O6 NDG D . 22.82 18.79 17.94
O7 NDG D . 26.69 24.85 15.34
N2 NDG D . 24.56 24.38 15.45
O1 NDG D . 24.80 23.27 18.03
C1 GAL D . 23.75 19.13 13.12
C2 GAL D . 22.82 17.99 12.63
C3 GAL D . 23.54 17.22 11.55
C4 GAL D . 23.99 18.21 10.42
C5 GAL D . 24.89 19.33 11.08
C6 GAL D . 25.31 20.35 10.00
O2 GAL D . 22.40 17.08 13.62
O3 GAL D . 22.77 16.17 11.06
O4 GAL D . 22.80 18.71 9.79
O5 GAL D . 24.18 19.96 12.05
O6 GAL D . 26.09 21.35 10.56
MN MN E . -11.03 -22.77 2.54
N1 UDP F . -10.19 -19.22 9.17
C2 UDP F . -9.02 -18.98 9.98
N3 UDP F . -8.93 -19.73 11.14
C4 UDP F . -9.84 -20.67 11.55
C5 UDP F . -10.99 -20.90 10.72
C6 UDP F . -11.07 -20.13 9.56
O2 UDP F . -8.22 -18.23 9.74
O4 UDP F . -9.67 -21.31 12.62
C1' UDP F . -10.39 -18.41 7.86
C2' UDP F . -9.30 -18.73 6.83
O2' UDP F . -9.03 -17.57 6.09
C3' UDP F . -9.95 -19.78 6.02
C4' UDP F . -11.36 -19.33 5.99
O4' UDP F . -11.57 -18.71 7.22
O3' UDP F . -9.31 -19.94 4.75
C5' UDP F . -12.45 -20.41 5.80
O5' UDP F . -12.21 -21.54 6.62
PA UDP F . -11.71 -22.87 5.97
O1A UDP F . -10.86 -22.59 4.97
O2A UDP F . -11.04 -23.65 6.90
O3A UDP F . -12.99 -23.54 5.38
PB UDP F . -12.99 -24.63 4.28
O1B UDP F . -12.75 -24.21 3.03
O2B UDP F . -14.14 -25.14 4.24
O3B UDP F . -12.02 -25.53 4.55
C1 GOL G . -9.31 4.64 -6.23
O1 GOL G . -8.99 4.50 -7.58
C2 GOL G . -10.77 4.84 -6.00
O2 GOL G . -11.22 6.03 -6.56
C3 GOL G . -10.94 4.99 -4.56
O3 GOL G . -12.18 5.41 -4.20
MN MN H . 18.69 12.39 11.65
N1 UDP I . 20.66 5.40 10.19
C2 UDP I . 20.24 4.17 10.81
N3 UDP I . 21.18 3.54 11.62
C4 UDP I . 22.45 4.01 11.87
C5 UDP I . 22.83 5.23 11.24
C6 UDP I . 21.88 5.85 10.43
O2 UDP I . 19.22 3.70 10.68
O4 UDP I . 23.24 3.38 12.62
C1' UDP I . 19.69 6.17 9.27
C2' UDP I . 18.46 6.68 10.04
O2' UDP I . 17.33 6.58 9.24
C3' UDP I . 18.83 8.07 10.31
C4' UDP I . 19.62 8.46 9.12
O4' UDP I . 20.25 7.29 8.71
O3' UDP I . 17.68 8.88 10.58
C5' UDP I . 20.70 9.53 9.30
O5' UDP I . 21.48 9.30 10.46
PA UDP I . 21.31 10.19 11.72
O1A UDP I . 20.01 10.48 11.89
O2A UDP I . 21.73 9.52 12.86
O3A UDP I . 22.11 11.49 11.42
PB UDP I . 21.90 12.88 12.13
O1B UDP I . 20.82 13.59 11.75
O2B UDP I . 22.87 13.60 11.80
O3B UDP I . 21.78 12.71 13.46
C1 GOL J . 26.53 7.03 -14.92
O1 GOL J . 26.13 8.33 -14.57
C2 GOL J . 26.27 6.05 -13.84
O2 GOL J . 27.01 6.34 -12.72
C3 GOL J . 26.75 4.75 -14.29
O3 GOL J . 25.92 3.72 -14.03
#